data_6C69
#
_entry.id   6C69
#
_cell.length_a   42.162
_cell.length_b   107.399
_cell.length_c   109.917
_cell.angle_alpha   90.000
_cell.angle_beta   90.000
_cell.angle_gamma   90.000
#
_symmetry.space_group_name_H-M   'P 21 21 21'
#
loop_
_entity.id
_entity.type
_entity.pdbx_description
1 polymer 'Antigen-presenting glycoprotein CD1d1'
2 polymer Beta-2-microglobulin
3 branched 2-acetamido-2-deoxy-beta-D-glucopyranose-(1-4)-[alpha-L-fucopyranose-(1-6)]2-acetamido-2-deoxy-beta-D-glucopyranose
4 non-polymer 2-acetamido-2-deoxy-beta-D-glucopyranose
5 non-polymer 'N-[(2S,3S,4R)-3,4-dihydroxy-8-oxo-8-[(6-phenylhexyl)amino]-1-{[(2S,3R,4S,5R,6R)-3,4,5-trihydroxy-6-(hydroxymethyl)tetra hydro-2H-pyran-2-yl]oxy}octan-2-yl]dodecanamide'
6 non-polymer 'PALMITIC ACID'
7 water water
#
loop_
_entity_poly.entity_id
_entity_poly.type
_entity_poly.pdbx_seq_one_letter_code
_entity_poly.pdbx_strand_id
1 'polypeptide(L)'
;SEAQQKNYTFRCLQMSSFANRSWSRTDSVVWLGDLQTHRWSNDSATISFTKPWSQGKLSNQQWEKLQHMFQVYRVSFTRD
IQELVKMMSPKEDYPIEIQLSAGCEMYPGNASESFLHVAFQGKYVVRFWGTSWQTVPGAPSWLDLPIKVLNADQGTSATV
QMLLNDTCPLFVRGLLEAGKSDLEKQEKPVAWLSSVPSSAHGHRQLVCHVSGFYPKPVWVMWMRGDQEQQGTHRGDFLPN
ADETWYLQATLDVEAGEEAGLACRVKHSSLGGQDIILYWHHHHHH
;
A
2 'polypeptide(L)'
;IQKTPQIQVYSRHPPENGKPNILNCYVTQFHPPHIEIQMLKNGKKIPKVEMSDMSFSKDWSFYILAHTEFTPTETDTYAC
RVKHASMAEPKTVYWDRDM
;
B
#
loop_
_chem_comp.id
_chem_comp.type
_chem_comp.name
_chem_comp.formula
ELM non-polymer 'N-[(2S,3S,4R)-3,4-dihydroxy-8-oxo-8-[(6-phenylhexyl)amino]-1-{[(2S,3R,4S,5R,6R)-3,4,5-trihydroxy-6-(hydroxymethyl)tetra hydro-2H-pyran-2-yl]oxy}octan-2-yl]dodecanamide' 'C38 H66 N2 O10'
FUC L-saccharide, alpha linking alpha-L-fucopyranose 'C6 H12 O5'
NAG D-saccharide, beta linking 2-acetamido-2-deoxy-beta-D-glucopyranose 'C8 H15 N O6'
PLM non-polymer 'PALMITIC ACID' 'C16 H32 O2'
#
# COMPACT_ATOMS: atom_id res chain seq x y z
N ASN A 7 13.42 -2.47 -13.57
CA ASN A 7 12.00 -2.63 -14.06
C ASN A 7 10.98 -2.14 -13.00
N TYR A 8 10.43 -0.93 -13.21
CA TYR A 8 9.60 -0.23 -12.20
C TYR A 8 8.26 0.25 -12.74
N THR A 9 7.25 0.25 -11.86
CA THR A 9 5.93 0.79 -12.16
C THR A 9 5.70 2.05 -11.34
N PHE A 10 5.40 3.14 -12.05
CA PHE A 10 5.13 4.44 -11.47
C PHE A 10 3.61 4.59 -11.44
N ARG A 11 3.04 4.83 -10.26
CA ARG A 11 1.58 4.89 -10.07
C ARG A 11 1.17 6.15 -9.34
N CYS A 12 0.29 6.94 -9.95
CA CYS A 12 -0.39 8.04 -9.30
C CYS A 12 -1.79 7.57 -8.93
N LEU A 13 -2.10 7.60 -7.63
CA LEU A 13 -3.38 7.12 -7.12
C LEU A 13 -4.19 8.28 -6.56
N GLN A 14 -5.34 8.55 -7.18
CA GLN A 14 -6.29 9.55 -6.70
C GLN A 14 -7.51 8.90 -6.09
N MET A 15 -7.92 9.39 -4.92
CA MET A 15 -9.10 8.90 -4.20
C MET A 15 -9.95 10.11 -3.92
N SER A 16 -11.19 10.09 -4.42
CA SER A 16 -12.16 11.16 -4.22
C SER A 16 -13.44 10.62 -3.60
N SER A 17 -13.86 11.23 -2.49
CA SER A 17 -15.14 10.91 -1.85
C SER A 17 -16.07 12.09 -2.04
N PHE A 18 -17.29 11.82 -2.46
CA PHE A 18 -18.32 12.83 -2.57
C PHE A 18 -19.46 12.37 -1.66
N ALA A 19 -19.62 13.02 -0.51
CA ALA A 19 -20.66 12.63 0.47
C ALA A 19 -22.02 13.29 0.18
N ASN A 20 -21.99 14.52 -0.30
CA ASN A 20 -23.18 15.25 -0.73
C ASN A 20 -22.72 16.43 -1.60
N ARG A 21 -23.65 17.30 -2.03
CA ARG A 21 -23.27 18.43 -2.89
C ARG A 21 -22.38 19.49 -2.21
N SER A 22 -22.32 19.50 -0.89
CA SER A 22 -21.49 20.45 -0.13
C SER A 22 -20.18 19.87 0.43
N TRP A 23 -20.04 18.54 0.47
CA TRP A 23 -18.84 17.89 1.03
C TRP A 23 -18.19 16.96 0.03
N SER A 24 -16.95 17.28 -0.37
CA SER A 24 -16.11 16.31 -1.07
C SER A 24 -14.65 16.56 -0.73
N ARG A 25 -13.84 15.51 -0.89
CA ARG A 25 -12.40 15.66 -0.85
C ARG A 25 -11.71 14.73 -1.82
N THR A 26 -10.57 15.19 -2.33
CA THR A 26 -9.73 14.45 -3.24
C THR A 26 -8.33 14.43 -2.65
N ASP A 27 -7.78 13.22 -2.50
CA ASP A 27 -6.42 12.99 -2.00
C ASP A 27 -5.67 12.07 -2.94
N SER A 28 -4.37 12.28 -3.08
CA SER A 28 -3.55 11.45 -3.92
C SER A 28 -2.24 11.05 -3.27
N VAL A 29 -1.72 9.91 -3.72
CA VAL A 29 -0.40 9.43 -3.35
C VAL A 29 0.24 8.92 -4.62
N VAL A 30 1.56 9.03 -4.69
CA VAL A 30 2.30 8.57 -5.84
C VAL A 30 3.40 7.63 -5.38
N TRP A 31 3.56 6.53 -6.12
CA TRP A 31 4.53 5.48 -5.81
C TRP A 31 5.43 5.25 -7.00
N LEU A 32 6.72 5.05 -6.73
CA LEU A 32 7.65 4.49 -7.68
C LEU A 32 8.07 3.12 -7.13
N GLY A 33 7.61 2.07 -7.78
CA GLY A 33 7.70 0.71 -7.22
C GLY A 33 7.01 0.72 -5.88
N ASP A 34 7.75 0.38 -4.84
CA ASP A 34 7.17 0.31 -3.49
C ASP A 34 7.52 1.51 -2.61
N LEU A 35 8.19 2.54 -3.16
CA LEU A 35 8.50 3.75 -2.39
C LEU A 35 7.58 4.91 -2.76
N GLN A 36 7.01 5.56 -1.75
CA GLN A 36 6.16 6.72 -1.94
C GLN A 36 6.99 7.96 -2.30
N THR A 37 6.65 8.59 -3.42
CA THR A 37 7.35 9.78 -3.89
C THR A 37 6.58 11.07 -3.67
N HIS A 38 5.24 11.01 -3.68
CA HIS A 38 4.43 12.21 -3.44
C HIS A 38 3.21 11.90 -2.63
N ARG A 39 2.71 12.95 -1.98
CA ARG A 39 1.41 12.99 -1.41
C ARG A 39 0.79 14.32 -1.82
N TRP A 40 -0.51 14.30 -2.06
CA TRP A 40 -1.27 15.53 -2.29
C TRP A 40 -2.58 15.46 -1.56
N SER A 41 -2.56 15.97 -0.33
CA SER A 41 -3.73 16.07 0.52
C SER A 41 -4.74 17.10 -0.01
N ASN A 42 -6.03 16.82 0.21
CA ASN A 42 -7.09 17.75 -0.16
C ASN A 42 -6.87 19.16 0.41
N ASP A 43 -6.36 19.25 1.63
CA ASP A 43 -6.15 20.55 2.30
C ASP A 43 -4.83 21.27 1.96
N SER A 44 -4.03 20.72 1.05
CA SER A 44 -2.84 21.42 0.57
C SER A 44 -3.05 21.94 -0.86
N ALA A 45 -2.68 23.19 -1.09
CA ALA A 45 -2.73 23.79 -2.43
C ALA A 45 -1.76 23.12 -3.41
N THR A 46 -0.64 22.65 -2.86
CA THR A 46 0.47 22.14 -3.61
C THR A 46 0.75 20.66 -3.32
N ILE A 47 1.37 19.99 -4.29
CA ILE A 47 1.78 18.61 -4.17
C ILE A 47 3.03 18.54 -3.30
N SER A 48 3.06 17.59 -2.36
CA SER A 48 4.18 17.45 -1.43
C SER A 48 5.15 16.37 -1.88
N PHE A 49 6.43 16.65 -1.74
CA PHE A 49 7.47 15.66 -1.94
C PHE A 49 7.63 14.80 -0.69
N THR A 50 7.71 13.48 -0.85
CA THR A 50 8.01 12.59 0.25
C THR A 50 9.40 11.93 0.14
N LYS A 51 10.17 12.32 -0.89
CA LYS A 51 11.61 11.99 -0.99
C LYS A 51 12.39 13.26 -1.36
N PRO A 52 13.71 13.29 -1.08
CA PRO A 52 14.51 14.43 -1.54
C PRO A 52 14.58 14.58 -3.06
N TRP A 53 14.34 13.48 -3.78
CA TRP A 53 14.48 13.39 -5.23
C TRP A 53 13.15 13.37 -5.97
N SER A 54 12.06 13.81 -5.32
CA SER A 54 10.71 13.62 -5.86
C SER A 54 10.37 14.55 -7.05
N GLN A 55 11.18 15.59 -7.26
CA GLN A 55 11.11 16.41 -8.49
C GLN A 55 11.78 15.75 -9.70
N GLY A 56 12.51 14.64 -9.50
CA GLY A 56 13.18 13.95 -10.57
C GLY A 56 14.23 14.88 -11.17
N LYS A 57 14.33 14.87 -12.50
CA LYS A 57 15.24 15.77 -13.21
C LYS A 57 14.51 16.96 -13.85
N LEU A 58 13.28 17.24 -13.42
CA LEU A 58 12.55 18.42 -13.92
C LEU A 58 13.05 19.67 -13.23
N SER A 59 13.12 20.76 -13.98
CA SER A 59 13.48 22.07 -13.45
C SER A 59 12.31 22.59 -12.67
N ASN A 60 12.55 23.60 -11.85
CA ASN A 60 11.49 24.22 -11.06
C ASN A 60 10.36 24.77 -11.90
N GLN A 61 10.70 25.29 -13.09
CA GLN A 61 9.72 25.81 -14.04
C GLN A 61 8.83 24.70 -14.59
N GLN A 62 9.46 23.63 -15.06
CA GLN A 62 8.74 22.45 -15.55
C GLN A 62 7.83 21.86 -14.47
N TRP A 63 8.36 21.69 -13.26
CA TRP A 63 7.60 21.18 -12.14
C TRP A 63 6.39 22.07 -11.83
N GLU A 64 6.63 23.37 -11.71
CA GLU A 64 5.55 24.33 -11.47
C GLU A 64 4.46 24.33 -12.57
N LYS A 65 4.88 24.19 -13.82
CA LYS A 65 3.93 24.06 -14.95
C LYS A 65 3.05 22.83 -14.76
N LEU A 66 3.72 21.72 -14.50
CA LEU A 66 3.07 20.44 -14.30
C LEU A 66 2.10 20.51 -13.12
N GLN A 67 2.56 21.07 -12.00
CA GLN A 67 1.70 21.22 -10.80
C GLN A 67 0.47 22.10 -11.06
N HIS A 68 0.64 23.16 -11.82
CA HIS A 68 -0.45 24.09 -12.09
C HIS A 68 -1.58 23.38 -12.84
N MET A 69 -1.19 22.55 -13.79
CA MET A 69 -2.15 21.80 -14.55
C MET A 69 -2.94 20.86 -13.61
N PHE A 70 -2.25 20.19 -12.69
CA PHE A 70 -2.92 19.36 -11.69
C PHE A 70 -3.81 20.16 -10.75
N GLN A 71 -3.36 21.36 -10.34
CA GLN A 71 -4.21 22.26 -9.54
C GLN A 71 -5.53 22.61 -10.23
N VAL A 72 -5.47 22.87 -11.53
CA VAL A 72 -6.67 23.16 -12.34
C VAL A 72 -7.54 21.91 -12.46
N TYR A 73 -6.91 20.79 -12.78
CA TYR A 73 -7.61 19.50 -12.88
C TYR A 73 -8.37 19.16 -11.61
N ARG A 74 -7.73 19.29 -10.45
CA ARG A 74 -8.39 18.90 -9.21
C ARG A 74 -9.68 19.70 -8.99
N VAL A 75 -9.63 21.00 -9.25
CA VAL A 75 -10.83 21.86 -9.16
C VAL A 75 -11.86 21.46 -10.21
N SER A 76 -11.45 21.34 -11.47
CA SER A 76 -12.38 21.00 -12.56
C SER A 76 -13.02 19.63 -12.37
N PHE A 77 -12.21 18.66 -11.96
CA PHE A 77 -12.69 17.30 -11.69
C PHE A 77 -13.84 17.32 -10.69
N THR A 78 -13.63 17.99 -9.56
CA THR A 78 -14.61 18.07 -8.49
C THR A 78 -15.93 18.69 -8.99
N ARG A 79 -15.81 19.79 -9.72
CA ARG A 79 -16.99 20.46 -10.32
C ARG A 79 -17.71 19.53 -11.30
N ASP A 80 -16.94 18.90 -12.20
CA ASP A 80 -17.53 17.99 -13.19
C ASP A 80 -18.36 16.91 -12.53
N ILE A 81 -17.82 16.29 -11.48
CA ILE A 81 -18.51 15.21 -10.79
C ILE A 81 -19.78 15.72 -10.09
N GLN A 82 -19.69 16.86 -9.39
CA GLN A 82 -20.85 17.44 -8.71
C GLN A 82 -21.97 17.80 -9.68
N GLU A 83 -21.59 18.38 -10.82
CA GLU A 83 -22.52 18.70 -11.90
C GLU A 83 -23.16 17.44 -12.49
N LEU A 84 -22.36 16.38 -12.64
CA LEU A 84 -22.87 15.11 -13.18
C LEU A 84 -23.92 14.46 -12.27
N VAL A 85 -23.65 14.43 -10.97
CA VAL A 85 -24.58 13.86 -9.98
C VAL A 85 -25.91 14.62 -9.96
N LYS A 86 -25.84 15.95 -10.11
CA LYS A 86 -27.04 16.78 -10.23
C LYS A 86 -27.90 16.39 -11.43
N MET A 87 -27.25 16.12 -12.56
CA MET A 87 -27.93 15.67 -13.79
C MET A 87 -28.52 14.26 -13.68
N MET A 88 -27.74 13.31 -13.14
CA MET A 88 -28.17 11.91 -13.02
C MET A 88 -28.91 11.70 -11.70
N ASP A 93 -26.54 8.30 -7.16
CA ASP A 93 -26.53 9.38 -6.18
C ASP A 93 -25.47 9.15 -5.06
N TYR A 94 -25.45 10.03 -4.06
CA TYR A 94 -24.43 10.01 -2.99
C TYR A 94 -24.67 8.85 -2.01
N PRO A 95 -23.63 8.38 -1.30
CA PRO A 95 -22.22 8.81 -1.44
C PRO A 95 -21.53 8.19 -2.67
N ILE A 96 -20.50 8.87 -3.17
CA ILE A 96 -19.77 8.39 -4.35
C ILE A 96 -18.27 8.38 -4.07
N GLU A 97 -17.65 7.24 -4.39
CA GLU A 97 -16.20 7.10 -4.37
C GLU A 97 -15.71 6.94 -5.81
N ILE A 98 -14.76 7.78 -6.21
CA ILE A 98 -14.09 7.65 -7.50
C ILE A 98 -12.59 7.52 -7.26
N GLN A 99 -11.97 6.52 -7.88
CA GLN A 99 -10.52 6.30 -7.81
C GLN A 99 -9.92 6.35 -9.22
N LEU A 100 -8.72 6.89 -9.33
CA LEU A 100 -7.97 6.88 -10.58
C LEU A 100 -6.59 6.32 -10.29
N SER A 101 -6.13 5.45 -11.18
CA SER A 101 -4.79 4.91 -11.13
C SER A 101 -4.17 5.19 -12.48
N ALA A 102 -3.12 6.02 -12.48
CA ALA A 102 -2.47 6.41 -13.72
C ALA A 102 -0.97 6.39 -13.58
N GLY A 103 -0.29 6.09 -14.67
CA GLY A 103 1.16 6.18 -14.69
C GLY A 103 1.75 5.36 -15.79
N CYS A 104 2.91 4.76 -15.52
CA CYS A 104 3.60 3.98 -16.54
C CYS A 104 4.55 2.95 -15.95
N GLU A 105 4.79 1.89 -16.74
CA GLU A 105 5.65 0.78 -16.38
C GLU A 105 6.87 0.83 -17.29
N MET A 106 8.06 0.90 -16.70
CA MET A 106 9.32 1.07 -17.44
C MET A 106 9.98 -0.28 -17.73
N TYR A 107 10.06 -0.63 -19.01
CA TYR A 107 10.65 -1.90 -19.48
C TYR A 107 12.09 -1.65 -19.96
N PRO A 108 12.92 -2.72 -20.05
CA PRO A 108 14.34 -2.52 -20.35
C PRO A 108 14.62 -2.20 -21.82
N GLY A 109 15.54 -1.27 -22.06
CA GLY A 109 15.83 -0.77 -23.40
C GLY A 109 14.85 0.31 -23.82
N ASN A 110 14.75 1.36 -22.99
CA ASN A 110 13.95 2.57 -23.27
C ASN A 110 12.42 2.44 -23.31
N ALA A 111 11.88 1.22 -23.35
CA ALA A 111 10.45 1.00 -23.60
C ALA A 111 9.61 1.23 -22.34
N SER A 112 8.35 1.59 -22.56
CA SER A 112 7.38 1.78 -21.47
C SER A 112 5.96 1.78 -22.00
N GLU A 113 5.02 1.53 -21.11
CA GLU A 113 3.59 1.52 -21.41
C GLU A 113 2.88 2.31 -20.32
N SER A 114 1.95 3.17 -20.73
CA SER A 114 1.21 4.00 -19.81
C SER A 114 -0.22 3.52 -19.66
N PHE A 115 -0.85 3.95 -18.56
CA PHE A 115 -2.21 3.55 -18.26
C PHE A 115 -2.92 4.67 -17.49
N LEU A 116 -4.23 4.67 -17.63
CA LEU A 116 -5.10 5.54 -16.83
C LEU A 116 -6.39 4.80 -16.69
N HIS A 117 -6.64 4.29 -15.49
CA HIS A 117 -7.84 3.52 -15.18
C HIS A 117 -8.66 4.25 -14.13
N VAL A 118 -9.98 4.15 -14.25
CA VAL A 118 -10.90 4.84 -13.36
C VAL A 118 -11.90 3.83 -12.77
N ALA A 119 -12.09 3.91 -11.45
CA ALA A 119 -13.09 3.11 -10.75
C ALA A 119 -14.18 3.98 -10.14
N PHE A 120 -15.40 3.48 -10.20
CA PHE A 120 -16.58 4.09 -9.60
C PHE A 120 -17.15 3.12 -8.58
N GLN A 121 -17.32 3.58 -7.33
CA GLN A 121 -17.75 2.74 -6.22
C GLN A 121 -16.92 1.46 -6.09
N GLY A 122 -15.62 1.58 -6.33
CA GLY A 122 -14.68 0.48 -6.21
C GLY A 122 -14.64 -0.51 -7.36
N LYS A 123 -15.31 -0.21 -8.48
CA LYS A 123 -15.35 -1.06 -9.65
C LYS A 123 -14.79 -0.33 -10.89
N TYR A 124 -13.84 -0.96 -11.57
CA TYR A 124 -13.19 -0.43 -12.77
C TYR A 124 -14.24 -0.24 -13.86
N VAL A 125 -14.40 1.01 -14.32
CA VAL A 125 -15.44 1.34 -15.32
C VAL A 125 -14.94 2.03 -16.59
N VAL A 126 -13.83 2.76 -16.50
CA VAL A 126 -13.38 3.64 -17.57
C VAL A 126 -11.86 3.61 -17.64
N ARG A 127 -11.33 3.66 -18.86
CA ARG A 127 -9.91 3.90 -19.07
C ARG A 127 -9.71 4.94 -20.16
N PHE A 128 -8.52 5.54 -20.17
CA PHE A 128 -8.06 6.29 -21.34
C PHE A 128 -7.19 5.36 -22.18
N TRP A 129 -7.42 5.33 -23.49
CA TRP A 129 -6.72 4.40 -24.37
C TRP A 129 -6.49 5.04 -25.74
N GLY A 130 -5.23 5.20 -26.12
CA GLY A 130 -4.87 5.86 -27.37
C GLY A 130 -5.13 7.35 -27.37
N THR A 131 -6.33 7.72 -27.79
CA THR A 131 -6.75 9.12 -27.95
C THR A 131 -8.09 9.45 -27.33
N SER A 132 -8.68 8.52 -26.58
CA SER A 132 -10.01 8.76 -26.04
C SER A 132 -10.32 7.94 -24.79
N TRP A 133 -11.31 8.44 -24.06
CA TRP A 133 -11.86 7.77 -22.90
C TRP A 133 -12.78 6.68 -23.43
N GLN A 134 -12.80 5.55 -22.73
CA GLN A 134 -13.67 4.41 -23.09
C GLN A 134 -14.27 3.83 -21.82
N THR A 135 -15.54 3.44 -21.89
CA THR A 135 -16.13 2.58 -20.87
C THR A 135 -15.63 1.15 -21.13
N VAL A 136 -15.39 0.39 -20.08
CA VAL A 136 -14.97 -1.01 -20.23
C VAL A 136 -16.22 -1.89 -20.43
N PRO A 137 -16.06 -3.08 -21.04
CA PRO A 137 -17.24 -3.94 -21.15
C PRO A 137 -17.83 -4.30 -19.76
N GLY A 138 -19.15 -4.26 -19.66
CA GLY A 138 -19.82 -4.49 -18.40
C GLY A 138 -20.05 -3.24 -17.56
N ALA A 139 -19.47 -2.10 -17.93
CA ALA A 139 -19.69 -0.85 -17.21
C ALA A 139 -21.14 -0.39 -17.39
N PRO A 140 -21.70 0.28 -16.37
CA PRO A 140 -23.09 0.74 -16.50
C PRO A 140 -23.30 1.66 -17.71
N SER A 141 -24.41 1.46 -18.40
CA SER A 141 -24.69 2.16 -19.65
C SER A 141 -24.91 3.65 -19.44
N TRP A 142 -25.35 4.07 -18.26
CA TRP A 142 -25.47 5.51 -17.96
C TRP A 142 -24.16 6.32 -18.06
N LEU A 143 -23.01 5.64 -18.06
CA LEU A 143 -21.72 6.30 -18.29
C LEU A 143 -21.43 6.65 -19.75
N ASP A 144 -22.15 6.08 -20.71
CA ASP A 144 -21.81 6.30 -22.12
C ASP A 144 -21.94 7.78 -22.52
N LEU A 145 -23.04 8.42 -22.12
CA LEU A 145 -23.31 9.83 -22.43
C LEU A 145 -22.28 10.79 -21.82
N PRO A 146 -22.01 10.71 -20.50
CA PRO A 146 -20.93 11.56 -19.97
C PRO A 146 -19.54 11.31 -20.53
N ILE A 147 -19.25 10.07 -20.94
CA ILE A 147 -17.98 9.77 -21.62
C ILE A 147 -17.94 10.39 -23.04
N LYS A 148 -19.09 10.36 -23.73
CA LYS A 148 -19.24 11.07 -25.00
C LYS A 148 -18.93 12.56 -24.85
N VAL A 149 -19.49 13.17 -23.81
CA VAL A 149 -19.32 14.60 -23.54
C VAL A 149 -17.85 14.89 -23.21
N LEU A 150 -17.25 14.03 -22.39
CA LEU A 150 -15.84 14.18 -22.05
C LEU A 150 -14.93 14.05 -23.28
N ASN A 151 -15.23 13.10 -24.15
CA ASN A 151 -14.46 12.94 -25.38
C ASN A 151 -14.56 14.09 -26.38
N ALA A 152 -15.64 14.88 -26.32
CA ALA A 152 -15.76 16.12 -27.12
C ALA A 152 -14.76 17.20 -26.68
N ASP A 153 -14.28 17.12 -25.44
CA ASP A 153 -13.24 18.03 -24.97
C ASP A 153 -11.86 17.59 -25.49
N GLN A 154 -11.50 18.06 -26.69
CA GLN A 154 -10.22 17.71 -27.33
C GLN A 154 -8.99 18.30 -26.65
N GLY A 155 -9.14 19.44 -25.99
CA GLY A 155 -8.05 20.04 -25.23
C GLY A 155 -7.62 19.13 -24.08
N THR A 156 -8.61 18.57 -23.36
CA THR A 156 -8.32 17.59 -22.30
C THR A 156 -7.70 16.31 -22.88
N SER A 157 -8.29 15.81 -23.97
CA SER A 157 -7.75 14.61 -24.66
C SER A 157 -6.28 14.75 -25.02
N ALA A 158 -5.91 15.88 -25.62
CA ALA A 158 -4.54 16.10 -26.03
C ALA A 158 -3.61 16.23 -24.84
N THR A 159 -4.07 16.83 -23.75
CA THR A 159 -3.25 16.94 -22.53
C THR A 159 -2.97 15.57 -21.91
N VAL A 160 -4.00 14.75 -21.81
CA VAL A 160 -3.85 13.39 -21.29
C VAL A 160 -2.93 12.57 -22.19
N GLN A 161 -3.08 12.70 -23.51
CA GLN A 161 -2.14 12.06 -24.44
C GLN A 161 -0.69 12.45 -24.19
N MET A 162 -0.44 13.75 -23.99
CA MET A 162 0.91 14.23 -23.69
CA MET A 162 0.89 14.26 -23.69
C MET A 162 1.41 13.64 -22.39
N LEU A 163 0.57 13.67 -21.35
CA LEU A 163 0.98 13.17 -20.03
C LEU A 163 1.37 11.70 -20.05
N LEU A 164 0.53 10.88 -20.67
CA LEU A 164 0.76 9.45 -20.76
C LEU A 164 1.89 9.10 -21.70
N ASN A 165 1.89 9.66 -22.91
CA ASN A 165 2.89 9.30 -23.93
C ASN A 165 4.27 9.88 -23.69
N ASP A 166 4.33 11.13 -23.23
CA ASP A 166 5.59 11.88 -23.10
C ASP A 166 6.02 12.04 -21.66
N THR A 167 5.21 12.76 -20.88
CA THR A 167 5.61 13.24 -19.57
C THR A 167 5.90 12.09 -18.59
N CYS A 168 5.01 11.09 -18.54
CA CYS A 168 5.19 10.00 -17.58
C CYS A 168 6.56 9.31 -17.73
N PRO A 169 6.87 8.73 -18.92
CA PRO A 169 8.16 8.05 -19.01
C PRO A 169 9.37 8.97 -18.82
N LEU A 170 9.26 10.20 -19.33
CA LEU A 170 10.28 11.22 -19.13
C LEU A 170 10.54 11.48 -17.66
N PHE A 171 9.46 11.76 -16.93
CA PHE A 171 9.54 12.04 -15.49
C PHE A 171 10.17 10.87 -14.74
N VAL A 172 9.72 9.66 -15.06
CA VAL A 172 10.18 8.46 -14.37
C VAL A 172 11.67 8.17 -14.63
N ARG A 173 12.15 8.37 -15.87
CA ARG A 173 13.59 8.29 -16.16
C ARG A 173 14.42 9.18 -15.20
N GLY A 174 13.97 10.40 -15.02
CA GLY A 174 14.60 11.33 -14.08
C GLY A 174 14.50 10.91 -12.62
N LEU A 175 13.36 10.33 -12.21
CA LEU A 175 13.22 9.79 -10.85
C LEU A 175 14.22 8.65 -10.58
N LEU A 176 14.34 7.73 -11.53
CA LEU A 176 15.23 6.57 -11.40
C LEU A 176 16.69 6.98 -11.24
N GLU A 177 17.10 7.98 -12.01
CA GLU A 177 18.42 8.56 -11.85
C GLU A 177 18.57 9.32 -10.52
N ALA A 178 17.64 10.24 -10.23
CA ALA A 178 17.74 11.08 -9.04
C ALA A 178 17.63 10.31 -7.72
N GLY A 179 16.86 9.21 -7.75
CA GLY A 179 16.61 8.39 -6.55
C GLY A 179 17.39 7.10 -6.44
N LYS A 180 18.57 7.05 -7.09
CA LYS A 180 19.33 5.81 -7.27
C LYS A 180 19.76 5.19 -5.94
N SER A 181 20.31 5.99 -5.03
CA SER A 181 20.78 5.46 -3.74
C SER A 181 19.64 4.93 -2.88
N ASP A 182 18.42 5.48 -3.02
CA ASP A 182 17.25 4.95 -2.33
C ASP A 182 16.65 3.72 -3.00
N LEU A 183 16.49 3.77 -4.33
CA LEU A 183 15.89 2.66 -5.06
C LEU A 183 16.77 1.41 -4.98
N GLU A 184 18.09 1.61 -4.92
CA GLU A 184 19.06 0.52 -4.80
C GLU A 184 19.56 0.26 -3.37
N LYS A 185 18.91 0.83 -2.36
CA LYS A 185 19.31 0.62 -0.97
C LYS A 185 19.17 -0.87 -0.60
N GLN A 186 20.04 -1.33 0.30
CA GLN A 186 19.98 -2.70 0.83
C GLN A 186 19.88 -2.64 2.35
N GLU A 187 18.77 -3.16 2.90
CA GLU A 187 18.58 -3.24 4.35
C GLU A 187 18.42 -4.70 4.74
N LYS A 188 19.14 -5.12 5.78
CA LYS A 188 19.20 -6.52 6.17
C LYS A 188 17.97 -6.97 6.94
N PRO A 189 17.45 -8.17 6.62
CA PRO A 189 16.43 -8.75 7.50
C PRO A 189 17.02 -9.13 8.86
N VAL A 190 16.22 -8.97 9.91
CA VAL A 190 16.47 -9.57 11.21
C VAL A 190 15.35 -10.58 11.42
N ALA A 191 15.71 -11.81 11.83
CA ALA A 191 14.73 -12.88 11.99
C ALA A 191 14.61 -13.33 13.44
N TRP A 192 13.46 -13.89 13.78
CA TRP A 192 13.28 -14.54 15.08
C TRP A 192 12.17 -15.58 15.01
N LEU A 193 12.23 -16.51 15.95
CA LEU A 193 11.33 -17.65 16.03
C LEU A 193 10.42 -17.55 17.22
N SER A 194 9.20 -18.02 17.02
CA SER A 194 8.26 -18.17 18.12
C SER A 194 7.32 -19.30 17.78
N SER A 195 6.40 -19.60 18.69
CA SER A 195 5.34 -20.58 18.39
C SER A 195 4.08 -20.39 19.20
N VAL A 196 2.96 -20.83 18.61
CA VAL A 196 1.67 -20.92 19.31
C VAL A 196 1.11 -22.34 19.20
N PRO A 197 0.17 -22.71 20.10
CA PRO A 197 -0.52 -24.00 19.90
C PRO A 197 -1.33 -24.04 18.59
N SER A 198 -1.38 -25.22 17.97
CA SER A 198 -2.21 -25.47 16.79
C SER A 198 -3.66 -25.71 17.22
N SER A 199 -4.54 -25.88 16.24
CA SER A 199 -5.95 -26.20 16.51
C SER A 199 -6.06 -27.60 17.11
N ALA A 200 -5.62 -28.60 16.37
CA ALA A 200 -5.73 -30.01 16.81
C ALA A 200 -4.69 -30.36 17.86
N HIS A 201 -5.01 -31.38 18.65
CA HIS A 201 -4.21 -31.78 19.80
C HIS A 201 -2.82 -32.32 19.39
N GLY A 202 -1.82 -32.01 20.21
CA GLY A 202 -0.44 -32.47 20.00
C GLY A 202 0.28 -31.81 18.82
N HIS A 203 -0.20 -30.67 18.35
CA HIS A 203 0.38 -29.94 17.22
C HIS A 203 0.68 -28.50 17.62
N ARG A 204 1.68 -27.93 16.96
CA ARG A 204 2.16 -26.58 17.27
C ARG A 204 2.43 -25.84 15.96
N GLN A 205 2.19 -24.53 15.95
CA GLN A 205 2.56 -23.68 14.81
C GLN A 205 3.86 -22.94 15.16
N LEU A 206 4.92 -23.27 14.45
CA LEU A 206 6.19 -22.55 14.57
C LEU A 206 6.16 -21.34 13.61
N VAL A 207 6.67 -20.19 14.05
CA VAL A 207 6.63 -18.97 13.26
C VAL A 207 8.03 -18.41 13.11
N CYS A 208 8.44 -18.20 11.86
CA CYS A 208 9.68 -17.55 11.54
C CYS A 208 9.32 -16.14 11.06
N HIS A 209 9.72 -15.14 11.84
CA HIS A 209 9.44 -13.74 11.57
C HIS A 209 10.68 -13.13 10.92
N VAL A 210 10.51 -12.36 9.85
CA VAL A 210 11.62 -11.70 9.16
C VAL A 210 11.26 -10.23 8.95
N SER A 211 12.07 -9.30 9.47
CA SER A 211 11.69 -7.88 9.47
C SER A 211 12.86 -6.95 9.20
N GLY A 212 12.57 -5.89 8.45
CA GLY A 212 13.53 -4.80 8.25
C GLY A 212 14.27 -4.88 6.94
N PHE A 213 13.84 -5.76 6.05
CA PHE A 213 14.58 -6.01 4.83
C PHE A 213 14.09 -5.12 3.71
N TYR A 214 15.04 -4.73 2.86
CA TYR A 214 14.76 -4.01 1.63
C TYR A 214 15.91 -4.34 0.65
N PRO A 215 15.62 -4.62 -0.62
CA PRO A 215 14.30 -4.56 -1.24
C PRO A 215 13.43 -5.78 -0.94
N LYS A 216 12.24 -5.81 -1.51
CA LYS A 216 11.20 -6.79 -1.18
C LYS A 216 11.54 -8.27 -1.41
N PRO A 217 12.18 -8.63 -2.54
CA PRO A 217 12.39 -10.06 -2.78
C PRO A 217 13.18 -10.74 -1.64
N VAL A 218 12.65 -11.85 -1.14
CA VAL A 218 13.24 -12.56 -0.01
C VAL A 218 12.84 -14.04 -0.10
N TRP A 219 13.65 -14.91 0.51
CA TRP A 219 13.39 -16.35 0.55
C TRP A 219 13.42 -16.79 2.00
N VAL A 220 12.37 -17.45 2.46
CA VAL A 220 12.24 -17.89 3.87
C VAL A 220 11.68 -19.30 3.85
N MET A 221 12.39 -20.27 4.41
CA MET A 221 11.94 -21.65 4.42
C MET A 221 12.25 -22.33 5.73
N TRP A 222 11.31 -23.12 6.27
CA TRP A 222 11.66 -24.08 7.32
C TRP A 222 12.43 -25.26 6.68
N MET A 223 13.45 -25.71 7.42
CA MET A 223 14.42 -26.68 6.95
C MET A 223 14.64 -27.78 8.00
N ARG A 224 14.94 -28.99 7.52
CA ARG A 224 15.54 -30.06 8.31
C ARG A 224 16.81 -30.40 7.60
N GLY A 225 17.93 -29.86 8.09
CA GLY A 225 19.20 -29.91 7.37
C GLY A 225 19.07 -29.24 6.01
N ASP A 226 19.42 -29.99 4.95
CA ASP A 226 19.29 -29.53 3.57
C ASP A 226 17.88 -29.67 2.99
N GLN A 227 16.96 -30.29 3.73
CA GLN A 227 15.60 -30.56 3.24
C GLN A 227 14.60 -29.44 3.57
N GLU A 228 14.11 -28.79 2.52
CA GLU A 228 13.00 -27.86 2.64
C GLU A 228 11.76 -28.53 3.19
N GLN A 229 11.15 -27.93 4.22
CA GLN A 229 9.89 -28.40 4.74
C GLN A 229 8.74 -27.75 3.95
N GLN A 230 8.05 -28.57 3.17
CA GLN A 230 7.06 -28.06 2.20
C GLN A 230 5.77 -27.62 2.89
N GLY A 231 5.63 -27.93 4.17
CA GLY A 231 4.62 -27.33 5.03
C GLY A 231 4.80 -25.82 5.27
N THR A 232 5.96 -25.27 4.93
CA THR A 232 6.25 -23.85 5.13
C THR A 232 5.16 -23.00 4.48
N HIS A 233 4.45 -22.22 5.29
CA HIS A 233 3.37 -21.36 4.81
C HIS A 233 3.77 -19.90 4.92
N ARG A 234 4.13 -19.30 3.79
CA ARG A 234 4.59 -17.91 3.75
C ARG A 234 3.40 -16.97 3.83
N GLY A 235 3.47 -15.97 4.71
CA GLY A 235 2.42 -14.95 4.80
C GLY A 235 2.55 -13.91 3.70
N ASP A 236 1.77 -12.85 3.81
CA ASP A 236 1.88 -11.71 2.89
C ASP A 236 3.04 -10.78 3.29
N PHE A 237 3.52 -10.00 2.32
CA PHE A 237 4.48 -8.93 2.61
C PHE A 237 3.75 -7.79 3.31
N LEU A 238 4.23 -7.43 4.49
CA LEU A 238 3.61 -6.42 5.34
C LEU A 238 4.60 -5.27 5.51
N PRO A 239 4.13 -4.01 5.36
CA PRO A 239 5.07 -2.90 5.42
C PRO A 239 5.43 -2.51 6.84
N ASN A 240 6.68 -2.15 7.06
CA ASN A 240 7.06 -1.45 8.25
C ASN A 240 6.93 0.04 7.96
N ALA A 241 6.95 0.86 8.99
CA ALA A 241 6.79 2.30 8.82
C ALA A 241 8.05 3.02 8.28
N ASP A 242 9.19 2.33 8.24
CA ASP A 242 10.46 2.91 7.82
C ASP A 242 10.91 2.42 6.43
N GLU A 243 9.95 2.11 5.57
CA GLU A 243 10.21 1.68 4.20
C GLU A 243 11.11 0.43 4.13
N THR A 244 10.82 -0.50 5.03
CA THR A 244 11.37 -1.84 4.96
C THR A 244 10.17 -2.79 5.02
N TRP A 245 10.42 -4.07 4.82
CA TRP A 245 9.35 -5.07 4.78
C TRP A 245 9.40 -6.05 5.96
N TYR A 246 8.24 -6.66 6.20
CA TYR A 246 8.06 -7.71 7.18
C TYR A 246 7.39 -8.89 6.49
N LEU A 247 7.82 -10.09 6.83
CA LEU A 247 7.17 -11.31 6.35
C LEU A 247 7.33 -12.36 7.43
N GLN A 248 6.32 -13.19 7.61
CA GLN A 248 6.48 -14.39 8.42
C GLN A 248 6.11 -15.68 7.67
N ALA A 249 6.76 -16.78 8.07
CA ALA A 249 6.49 -18.10 7.51
C ALA A 249 6.23 -19.07 8.64
N THR A 250 5.12 -19.79 8.57
CA THR A 250 4.73 -20.71 9.61
C THR A 250 4.88 -22.17 9.17
N LEU A 251 4.96 -23.06 10.15
CA LEU A 251 5.07 -24.50 9.93
C LEU A 251 4.28 -25.24 11.01
N ASP A 252 3.30 -26.02 10.58
CA ASP A 252 2.57 -26.89 11.49
C ASP A 252 3.37 -28.16 11.72
N VAL A 253 3.66 -28.45 12.98
CA VAL A 253 4.54 -29.58 13.34
C VAL A 253 3.90 -30.40 14.45
N GLU A 254 4.17 -31.71 14.45
CA GLU A 254 3.70 -32.60 15.53
C GLU A 254 4.58 -32.34 16.73
N ALA A 255 3.96 -32.22 17.90
CA ALA A 255 4.70 -32.02 19.15
C ALA A 255 5.65 -33.20 19.35
N GLY A 256 6.90 -32.90 19.67
CA GLY A 256 7.95 -33.91 19.69
C GLY A 256 8.51 -34.26 18.33
N GLU A 257 8.18 -33.47 17.30
CA GLU A 257 8.89 -33.51 16.03
C GLU A 257 9.61 -32.16 15.76
N GLU A 258 9.61 -31.27 16.76
CA GLU A 258 10.22 -29.94 16.64
C GLU A 258 11.72 -29.97 16.43
N ALA A 259 12.38 -30.96 17.04
CA ALA A 259 13.84 -30.99 17.10
C ALA A 259 14.45 -31.11 15.70
N GLY A 260 15.54 -30.40 15.46
CA GLY A 260 16.21 -30.41 14.17
C GLY A 260 15.63 -29.43 13.14
N LEU A 261 14.59 -28.69 13.50
CA LEU A 261 14.03 -27.70 12.58
C LEU A 261 14.81 -26.38 12.66
N ALA A 262 14.95 -25.74 11.50
CA ALA A 262 15.60 -24.43 11.38
C ALA A 262 14.82 -23.60 10.39
N CYS A 263 14.87 -22.28 10.55
CA CYS A 263 14.40 -21.34 9.54
C CYS A 263 15.59 -20.74 8.84
N ARG A 264 15.57 -20.77 7.51
CA ARG A 264 16.62 -20.21 6.69
C ARG A 264 16.09 -19.02 5.89
N VAL A 265 16.85 -17.94 5.88
CA VAL A 265 16.46 -16.71 5.19
C VAL A 265 17.56 -16.29 4.22
N LYS A 266 17.19 -16.13 2.94
CA LYS A 266 18.08 -15.59 1.91
C LYS A 266 17.58 -14.20 1.52
N HIS A 267 18.53 -13.29 1.34
CA HIS A 267 18.22 -11.94 0.89
C HIS A 267 19.45 -11.29 0.27
N SER A 268 19.23 -10.47 -0.76
CA SER A 268 20.27 -9.73 -1.48
C SER A 268 21.26 -8.94 -0.58
N SER A 269 20.77 -8.42 0.54
CA SER A 269 21.60 -7.66 1.47
C SER A 269 22.59 -8.46 2.33
N LEU A 270 22.48 -9.79 2.35
CA LEU A 270 23.25 -10.61 3.28
C LEU A 270 24.62 -11.06 2.75
N GLY A 271 24.91 -10.77 1.47
CA GLY A 271 26.20 -11.11 0.87
C GLY A 271 26.48 -12.60 0.75
N GLY A 272 25.45 -13.36 0.36
CA GLY A 272 25.54 -14.82 0.27
C GLY A 272 25.64 -15.60 1.57
N GLN A 273 25.47 -14.95 2.73
CA GLN A 273 25.48 -15.62 4.03
C GLN A 273 24.05 -15.64 4.60
N ASP A 274 23.35 -16.75 4.39
CA ASP A 274 21.96 -16.88 4.84
C ASP A 274 21.84 -16.78 6.36
N ILE A 275 20.72 -16.25 6.84
CA ILE A 275 20.43 -16.35 8.27
C ILE A 275 19.86 -17.75 8.48
N ILE A 276 20.35 -18.45 9.50
CA ILE A 276 19.75 -19.72 9.91
C ILE A 276 19.51 -19.69 11.42
N LEU A 277 18.26 -19.80 11.80
CA LEU A 277 17.89 -19.90 13.20
C LEU A 277 17.41 -21.29 13.45
N TYR A 278 17.84 -21.87 14.57
CA TYR A 278 17.48 -23.21 15.01
C TYR A 278 16.44 -23.21 16.11
N TRP A 279 15.39 -24.01 15.93
CA TRP A 279 14.35 -24.10 16.94
C TRP A 279 14.87 -24.90 18.13
N GLN B 2 -19.52 -3.00 -0.39
CA GLN B 2 -18.71 -2.79 0.86
C GLN B 2 -17.79 -3.97 1.18
N LYS B 3 -16.52 -3.67 1.48
CA LYS B 3 -15.51 -4.69 1.77
C LYS B 3 -14.99 -4.51 3.19
N THR B 4 -14.92 -5.62 3.92
CA THR B 4 -14.54 -5.71 5.34
C THR B 4 -13.02 -5.61 5.54
N PRO B 5 -12.55 -4.79 6.51
CA PRO B 5 -11.11 -4.68 6.69
C PRO B 5 -10.47 -5.92 7.32
N GLN B 6 -9.33 -6.32 6.78
CA GLN B 6 -8.44 -7.29 7.42
C GLN B 6 -7.41 -6.53 8.25
N ILE B 7 -7.06 -7.08 9.41
CA ILE B 7 -6.16 -6.42 10.35
C ILE B 7 -5.00 -7.37 10.70
N GLN B 8 -3.77 -6.89 10.58
CA GLN B 8 -2.60 -7.65 10.95
C GLN B 8 -1.74 -6.81 11.90
N VAL B 9 -1.34 -7.40 13.03
CA VAL B 9 -0.59 -6.71 14.09
C VAL B 9 0.76 -7.41 14.29
N TYR B 10 1.85 -6.62 14.23
CA TYR B 10 3.18 -7.18 14.24
C TYR B 10 4.19 -6.14 14.69
N SER B 11 5.29 -6.61 15.26
CA SER B 11 6.31 -5.71 15.78
C SER B 11 7.41 -5.47 14.74
N ARG B 12 8.04 -4.31 14.80
CA ARG B 12 9.11 -3.92 13.87
C ARG B 12 10.38 -4.72 14.12
N HIS B 13 10.68 -4.96 15.39
CA HIS B 13 11.87 -5.65 15.84
C HIS B 13 11.48 -6.87 16.69
N PRO B 14 12.42 -7.82 16.88
CA PRO B 14 12.14 -8.96 17.76
C PRO B 14 11.74 -8.46 19.14
N PRO B 15 10.61 -8.94 19.68
CA PRO B 15 10.17 -8.42 20.98
C PRO B 15 11.08 -8.88 22.11
N GLU B 16 11.41 -7.96 23.00
CA GLU B 16 12.14 -8.28 24.22
C GLU B 16 11.51 -7.48 25.32
N ASN B 17 11.13 -8.15 26.40
CA ASN B 17 10.41 -7.48 27.49
C ASN B 17 11.28 -6.39 28.06
N GLY B 18 10.66 -5.23 28.30
CA GLY B 18 11.35 -4.06 28.77
C GLY B 18 12.08 -3.21 27.73
N LYS B 19 12.14 -3.66 26.47
CA LYS B 19 12.89 -2.93 25.43
C LYS B 19 11.95 -2.22 24.44
N PRO B 20 12.12 -0.89 24.27
CA PRO B 20 11.34 -0.11 23.29
C PRO B 20 11.38 -0.70 21.88
N ASN B 21 10.23 -0.65 21.22
CA ASN B 21 10.03 -1.29 19.93
C ASN B 21 8.93 -0.48 19.22
N ILE B 22 8.49 -0.94 18.06
CA ILE B 22 7.40 -0.31 17.36
C ILE B 22 6.39 -1.40 17.01
N LEU B 23 5.12 -1.12 17.27
CA LEU B 23 4.01 -2.04 16.95
C LEU B 23 3.27 -1.48 15.75
N ASN B 24 3.03 -2.34 14.76
CA ASN B 24 2.38 -1.97 13.51
C ASN B 24 1.01 -2.61 13.50
N CYS B 25 0.02 -1.87 12.99
CA CYS B 25 -1.29 -2.39 12.69
C CYS B 25 -1.58 -2.04 11.23
N TYR B 26 -1.62 -3.07 10.37
CA TYR B 26 -1.82 -2.90 8.93
C TYR B 26 -3.24 -3.33 8.61
N VAL B 27 -4.02 -2.39 8.07
CA VAL B 27 -5.45 -2.59 7.79
C VAL B 27 -5.63 -2.53 6.27
N THR B 28 -6.26 -3.57 5.71
CA THR B 28 -6.31 -3.78 4.27
C THR B 28 -7.67 -4.26 3.81
N GLN B 29 -7.86 -4.27 2.50
CA GLN B 29 -9.01 -4.91 1.86
C GLN B 29 -10.37 -4.27 2.18
N PHE B 30 -10.36 -2.97 2.50
CA PHE B 30 -11.62 -2.30 2.86
C PHE B 30 -12.08 -1.27 1.83
N HIS B 31 -13.39 -0.99 1.86
CA HIS B 31 -14.07 -0.04 0.97
C HIS B 31 -15.44 0.14 1.62
N PRO B 32 -15.93 1.37 1.84
CA PRO B 32 -15.33 2.64 1.39
C PRO B 32 -14.13 3.06 2.24
N PRO B 33 -13.43 4.15 1.85
CA PRO B 33 -12.17 4.46 2.54
C PRO B 33 -12.31 5.04 3.94
N HIS B 34 -13.45 5.60 4.31
CA HIS B 34 -13.63 6.14 5.66
C HIS B 34 -13.48 5.03 6.72
N ILE B 35 -12.62 5.26 7.71
CA ILE B 35 -12.29 4.23 8.69
C ILE B 35 -11.76 4.87 9.97
N GLU B 36 -11.97 4.22 11.11
CA GLU B 36 -11.37 4.64 12.37
C GLU B 36 -10.51 3.52 12.93
N ILE B 37 -9.23 3.81 13.16
CA ILE B 37 -8.25 2.83 13.66
C ILE B 37 -7.69 3.32 14.99
N GLN B 38 -7.73 2.47 16.00
CA GLN B 38 -7.20 2.77 17.32
C GLN B 38 -6.22 1.68 17.69
N MET B 39 -5.13 2.04 18.35
CA MET B 39 -4.27 1.04 18.95
C MET B 39 -4.44 1.15 20.45
N LEU B 40 -4.52 0.00 21.11
CA LEU B 40 -4.88 -0.10 22.52
C LEU B 40 -3.76 -0.75 23.32
N LYS B 41 -3.52 -0.21 24.52
CA LYS B 41 -2.66 -0.82 25.53
C LYS B 41 -3.55 -1.16 26.73
N ASN B 42 -3.63 -2.44 27.09
CA ASN B 42 -4.52 -2.92 28.18
C ASN B 42 -5.94 -2.36 28.03
N GLY B 43 -6.48 -2.45 26.81
CA GLY B 43 -7.82 -1.93 26.50
C GLY B 43 -8.00 -0.41 26.41
N LYS B 44 -6.93 0.36 26.61
CA LYS B 44 -7.00 1.82 26.61
C LYS B 44 -6.31 2.39 25.37
N LYS B 45 -6.95 3.39 24.78
CA LYS B 45 -6.50 4.00 23.55
C LYS B 45 -5.11 4.63 23.71
N ILE B 46 -4.19 4.28 22.82
CA ILE B 46 -2.84 4.81 22.85
C ILE B 46 -2.89 6.17 22.15
N PRO B 47 -2.41 7.23 22.82
CA PRO B 47 -2.58 8.57 22.21
C PRO B 47 -1.72 8.89 20.97
N LYS B 48 -0.49 8.38 20.89
CA LYS B 48 0.48 8.92 19.93
C LYS B 48 0.48 8.34 18.49
N VAL B 49 -0.60 7.69 18.06
CA VAL B 49 -0.53 6.76 16.91
C VAL B 49 -0.32 7.48 15.56
N GLU B 50 0.72 7.06 14.84
CA GLU B 50 1.06 7.63 13.53
C GLU B 50 0.45 6.76 12.41
N MET B 51 -0.08 7.41 11.38
CA MET B 51 -0.77 6.74 10.28
C MET B 51 -0.07 7.09 8.97
N SER B 52 0.11 6.10 8.10
CA SER B 52 0.55 6.38 6.73
C SER B 52 -0.57 7.09 5.98
N ASP B 53 -0.25 7.61 4.80
CA ASP B 53 -1.26 8.12 3.90
C ASP B 53 -2.06 6.93 3.41
N MET B 54 -3.37 7.06 3.30
CA MET B 54 -4.17 5.99 2.74
C MET B 54 -3.82 5.78 1.28
N SER B 55 -3.83 4.53 0.87
CA SER B 55 -3.55 4.16 -0.49
C SER B 55 -4.50 3.05 -0.88
N PHE B 56 -4.41 2.59 -2.12
CA PHE B 56 -5.19 1.46 -2.55
C PHE B 56 -4.42 0.54 -3.48
N SER B 57 -4.88 -0.71 -3.56
CA SER B 57 -4.20 -1.79 -4.27
C SER B 57 -4.73 -1.92 -5.70
N LYS B 58 -4.11 -2.81 -6.47
CA LYS B 58 -4.55 -3.16 -7.83
C LYS B 58 -6.03 -3.48 -7.92
N ASP B 59 -6.55 -4.20 -6.92
CA ASP B 59 -8.00 -4.51 -6.86
C ASP B 59 -8.91 -3.37 -6.38
N TRP B 60 -8.35 -2.16 -6.17
CA TRP B 60 -9.08 -0.94 -5.75
C TRP B 60 -9.41 -0.86 -4.25
N SER B 61 -9.14 -1.90 -3.48
CA SER B 61 -9.38 -1.86 -2.04
C SER B 61 -8.31 -1.02 -1.35
N PHE B 62 -8.70 -0.37 -0.26
CA PHE B 62 -7.84 0.57 0.44
C PHE B 62 -6.95 -0.13 1.47
N TYR B 63 -5.81 0.48 1.77
CA TYR B 63 -4.99 0.02 2.88
C TYR B 63 -4.33 1.19 3.56
N ILE B 64 -3.96 0.97 4.80
CA ILE B 64 -3.30 1.99 5.60
C ILE B 64 -2.54 1.31 6.73
N LEU B 65 -1.39 1.88 7.09
CA LEU B 65 -0.57 1.37 8.16
C LEU B 65 -0.61 2.34 9.33
N ALA B 66 -0.96 1.83 10.51
CA ALA B 66 -0.81 2.57 11.76
C ALA B 66 0.38 2.03 12.53
N HIS B 67 1.09 2.89 13.24
CA HIS B 67 2.16 2.40 14.11
C HIS B 67 2.36 3.26 15.34
N THR B 68 2.92 2.67 16.38
CA THR B 68 3.21 3.39 17.61
C THR B 68 4.41 2.79 18.33
N GLU B 69 5.11 3.62 19.09
CA GLU B 69 6.15 3.14 20.00
C GLU B 69 5.47 2.30 21.09
N PHE B 70 6.13 1.23 21.53
CA PHE B 70 5.65 0.44 22.66
C PHE B 70 6.80 -0.32 23.27
N THR B 71 6.65 -0.67 24.54
CA THR B 71 7.62 -1.51 25.22
C THR B 71 6.86 -2.73 25.71
N PRO B 72 7.04 -3.88 25.04
CA PRO B 72 6.35 -5.06 25.50
C PRO B 72 6.84 -5.45 26.89
N THR B 73 5.93 -5.99 27.70
CA THR B 73 6.28 -6.58 29.00
C THR B 73 5.55 -7.93 29.07
N GLU B 74 5.79 -8.67 30.15
CA GLU B 74 5.16 -9.97 30.36
C GLU B 74 3.64 -9.90 30.47
N THR B 75 3.13 -8.79 30.99
CA THR B 75 1.73 -8.67 31.39
C THR B 75 0.89 -7.68 30.59
N ASP B 76 1.51 -6.79 29.81
CA ASP B 76 0.73 -5.83 29.03
C ASP B 76 0.16 -6.48 27.77
N THR B 77 -1.07 -6.15 27.43
CA THR B 77 -1.69 -6.58 26.18
C THR B 77 -1.82 -5.39 25.24
N TYR B 78 -1.63 -5.66 23.95
CA TYR B 78 -1.77 -4.64 22.92
C TYR B 78 -2.71 -5.13 21.85
N ALA B 79 -3.49 -4.21 21.29
CA ALA B 79 -4.46 -4.57 20.27
C ALA B 79 -4.66 -3.45 19.28
N CYS B 80 -5.30 -3.79 18.17
CA CYS B 80 -5.66 -2.80 17.17
C CYS B 80 -7.14 -2.97 16.88
N ARG B 81 -7.89 -1.87 17.02
CA ARG B 81 -9.36 -1.88 16.94
C ARG B 81 -9.80 -0.98 15.80
N VAL B 82 -10.66 -1.50 14.94
CA VAL B 82 -11.08 -0.84 13.72
C VAL B 82 -12.60 -0.72 13.68
N LYS B 83 -13.09 0.50 13.43
CA LYS B 83 -14.52 0.77 13.16
C LYS B 83 -14.67 1.14 11.69
N HIS B 84 -15.64 0.51 11.03
CA HIS B 84 -15.86 0.70 9.61
C HIS B 84 -17.33 0.38 9.25
N ALA B 85 -17.87 1.06 8.26
CA ALA B 85 -19.31 0.91 7.87
C ALA B 85 -19.72 -0.51 7.46
N SER B 86 -18.76 -1.30 6.97
CA SER B 86 -18.99 -2.71 6.66
C SER B 86 -19.30 -3.60 7.85
N MET B 87 -19.01 -3.15 9.06
CA MET B 87 -19.16 -3.97 10.27
C MET B 87 -20.03 -3.23 11.27
N ALA B 88 -21.05 -3.91 11.80
CA ALA B 88 -21.90 -3.36 12.86
C ALA B 88 -21.14 -3.13 14.16
N GLU B 89 -20.18 -3.99 14.48
CA GLU B 89 -19.32 -3.79 15.64
C GLU B 89 -17.85 -3.59 15.28
N PRO B 90 -17.08 -2.95 16.19
CA PRO B 90 -15.64 -2.85 15.96
C PRO B 90 -14.95 -4.21 15.97
N LYS B 91 -13.96 -4.37 15.10
CA LYS B 91 -13.14 -5.56 15.06
C LYS B 91 -11.84 -5.29 15.83
N THR B 92 -11.52 -6.17 16.76
CA THR B 92 -10.28 -6.05 17.52
C THR B 92 -9.37 -7.23 17.22
N VAL B 93 -8.12 -6.93 16.94
CA VAL B 93 -7.10 -7.94 16.77
C VAL B 93 -6.01 -7.66 17.79
N TYR B 94 -5.65 -8.69 18.54
CA TYR B 94 -4.61 -8.60 19.55
C TYR B 94 -3.24 -8.93 18.98
N TRP B 95 -2.22 -8.22 19.45
CA TRP B 95 -0.85 -8.62 19.22
C TRP B 95 -0.60 -9.92 19.99
N ASP B 96 -0.09 -10.92 19.30
CA ASP B 96 0.40 -12.12 19.95
C ASP B 96 1.79 -12.33 19.40
N ARG B 97 2.80 -12.04 20.22
CA ARG B 97 4.21 -12.11 19.80
C ARG B 97 4.58 -13.49 19.24
N ASP B 98 3.95 -14.52 19.81
CA ASP B 98 4.15 -15.90 19.42
C ASP B 98 3.54 -16.28 18.06
N MET B 99 2.40 -15.67 17.70
CA MET B 99 1.73 -15.90 16.39
C MET B 99 2.47 -15.23 15.25
C1 NAG C . -0.15 8.62 -27.78
C2 NAG C . -0.42 9.34 -29.12
C3 NAG C . -1.65 8.72 -29.74
C4 NAG C . -1.46 7.22 -29.81
C5 NAG C . -1.17 6.58 -28.44
C6 NAG C . -0.99 5.05 -28.51
C7 NAG C . 0.33 11.65 -28.91
C8 NAG C . -0.05 13.10 -28.69
N2 NAG C . -0.66 10.76 -28.94
O3 NAG C . -1.87 9.32 -31.03
O4 NAG C . -2.68 6.71 -30.34
O5 NAG C . 0.01 7.20 -27.95
O6 NAG C . -0.45 4.51 -27.27
O7 NAG C . 1.50 11.32 -29.02
C1 NAG C . -2.42 6.04 -31.59
C2 NAG C . -3.64 5.18 -31.90
C3 NAG C . -3.68 4.67 -33.34
C4 NAG C . -3.09 5.65 -34.38
C5 NAG C . -1.79 6.26 -33.86
C6 NAG C . -1.07 7.18 -34.86
C7 NAG C . -4.67 3.60 -30.30
C8 NAG C . -4.46 2.36 -29.48
N2 NAG C . -3.63 4.02 -31.02
O3 NAG C . -5.05 4.39 -33.64
O4 NAG C . -2.82 4.92 -35.59
O5 NAG C . -2.08 6.94 -32.64
O6 NAG C . -1.89 8.26 -35.29
O7 NAG C . -5.74 4.17 -30.28
C1 FUC C . -1.33 3.65 -26.48
C2 FUC C . -0.58 2.78 -25.46
C3 FUC C . 0.26 3.66 -24.54
C4 FUC C . -0.66 4.63 -23.79
C5 FUC C . -1.73 5.26 -24.71
C6 FUC C . -2.88 5.80 -23.85
O2 FUC C . 0.21 1.79 -26.14
O3 FUC C . 1.04 2.91 -23.59
O4 FUC C . -1.32 3.95 -22.72
O5 FUC C . -2.29 4.35 -25.68
C1 NAG D . -22.39 16.36 3.88
C2 NAG D . -23.48 16.56 4.94
C3 NAG D . -22.92 16.84 6.33
C4 NAG D . -21.78 15.92 6.71
C5 NAG D . -20.76 15.78 5.58
C6 NAG D . -19.69 14.76 5.90
C7 NAG D . -25.68 17.60 4.45
C8 NAG D . -26.35 18.86 3.96
N2 NAG D . -24.34 17.66 4.50
O3 NAG D . -23.97 16.65 7.29
O4 NAG D . -21.14 16.41 7.91
O5 NAG D . -21.45 15.39 4.37
O6 NAG D . -20.26 13.45 5.91
O7 NAG D . -26.33 16.62 4.76
C1 NAG E . -11.21 19.86 0.01
C2 NAG E . -12.16 20.40 1.07
C3 NAG E . -13.12 21.42 0.49
C4 NAG E . -12.36 22.52 -0.25
C5 NAG E . -11.55 21.82 -1.35
C6 NAG E . -10.81 22.77 -2.27
C7 NAG E . -12.92 18.99 2.94
C8 NAG E . -13.84 17.89 3.36
N2 NAG E . -12.96 19.34 1.66
O3 NAG E . -13.90 21.96 1.56
O4 NAG E . -13.26 23.50 -0.77
O5 NAG E . -10.60 20.96 -0.69
O6 NAG E . -9.78 23.44 -1.56
O7 NAG E . -12.16 19.52 3.74
C1 ELM F . -7.21 18.73 -18.50
O1 ELM F . -10.15 13.69 -16.74
O2 ELM F . -13.03 17.45 -17.95
C2 ELM F . -6.10 17.94 -17.81
C3 ELM F . -6.59 16.61 -17.26
O3 ELM F . -12.92 20.06 -16.98
C4 ELM F . -5.38 15.75 -16.90
C5 ELM F . -5.64 14.75 -15.78
C6 ELM F . -6.41 13.53 -16.27
C7 ELM F . -6.69 12.51 -15.17
C8 ELM F . -17.93 9.83 -14.02
C9 ELM F . -19.08 9.65 -13.23
C10 ELM F . -19.11 8.64 -12.27
C11 ELM F . -17.99 7.84 -12.09
C12 ELM F . -16.85 8.01 -12.85
C13 ELM F . -16.82 9.00 -13.81
C14 ELM F . -15.53 9.11 -14.59
C15 ELM F . -15.32 10.13 -15.66
C16 ELM F . -13.88 10.04 -16.12
C17 ELM F . -12.94 10.47 -15.00
C18 ELM F . -11.57 10.84 -15.56
C21 ELM F . -11.13 13.91 -16.04
N1 ELM F . -11.54 13.14 -15.06
C19 ELM F . -10.93 11.88 -14.67
C22 ELM F . -11.93 15.15 -16.25
C23 ELM F . -11.10 16.28 -15.67
C24 ELM F . -11.73 17.63 -15.90
C25 ELM F . -11.81 17.97 -17.39
C26 ELM F . -11.81 19.45 -17.66
C27 ELM F . -10.51 20.17 -17.26
C28 ELM F . -10.55 21.64 -17.65
O4 ELM F . -10.82 21.73 -19.05
C31 ELM F . -10.70 23.00 -19.68
C32 ELM F . -10.98 22.81 -21.16
O5 ELM F . -12.23 22.13 -21.33
C33 ELM F . -9.87 22.01 -21.84
O6 ELM F . -10.11 21.97 -23.26
C34 ELM F . -8.49 22.60 -21.53
O7 ELM F . -8.36 23.86 -22.21
C30 ELM F . -8.30 22.79 -20.02
C29 ELM F . -6.96 23.46 -19.66
O8 ELM F . -7.06 24.27 -18.49
O9 ELM F . -9.39 23.56 -19.49
N2 ELM F . -9.42 19.56 -18.02
C20 ELM F . -8.20 19.33 -17.52
O ELM F . -7.87 19.59 -16.38
C40 ELM F . -5.43 11.92 -14.56
C41 ELM F . -5.13 12.46 -13.17
C42 ELM F . -3.92 11.77 -12.54
C43 ELM F . -4.26 10.55 -11.72
C1 PLM G . -4.04 13.59 -9.07
O1 PLM G . -4.07 12.35 -9.13
O2 PLM G . -5.05 14.30 -8.83
C2 PLM G . -2.72 14.29 -9.33
C3 PLM G . -1.54 13.59 -8.66
C4 PLM G . -0.27 14.39 -8.91
C5 PLM G . 0.98 13.58 -8.67
C6 PLM G . 2.27 14.36 -8.97
C7 PLM G . 3.35 13.56 -9.68
C8 PLM G . 3.63 14.05 -11.11
C9 PLM G . 3.79 12.90 -12.10
CA PLM G . 3.87 13.43 -13.54
CB PLM G . 3.52 12.39 -14.60
CC PLM G . 2.11 11.82 -14.42
CD PLM G . 1.49 11.45 -15.75
CE PLM G . 0.41 10.38 -15.58
CF PLM G . -0.90 10.99 -15.10
CG PLM G . -1.86 11.23 -16.26
#